data_3UFA
#
_entry.id   3UFA
#
_cell.length_a   61.232
_cell.length_b   61.232
_cell.length_c   221.123
_cell.angle_alpha   90.00
_cell.angle_beta   90.00
_cell.angle_gamma   120.00
#
_symmetry.space_group_name_H-M   'P 65'
#
loop_
_entity.id
_entity.type
_entity.pdbx_description
1 polymer 'Serine protease splA'
2 non-polymer N-(3-carboxypropanoyl)-L-valyl-N-[(1S)-2-phenyl-1-phosphonoethyl]-L-prolinamide
3 non-polymer 'CHLORIDE ION'
4 water water
#
_entity_poly.entity_id   1
_entity_poly.type   'polypeptide(L)'
_entity_poly.pdbx_seq_one_letter_code
;EKNVKEITDATKEPYNSVVAFVGGTGVVVGKNTIVTNKHIAKSNDIFKNRVSAHHSSKGKGGGNYDVKDIVEYPGKEDLA
IVHVHETSTEGLNFNKNVSYTKFADGAKVKDRISVIGYPKGAQTKYKMFESTGTINHISGTFMEFDAYAQPGNSGSPVLN
SKHELIGILYAGSGKDESEKNFGVYFTPQLKEFIQNNIEK
;
_entity_poly.pdbx_strand_id   A,B
#
# COMPACT_ATOMS: atom_id res chain seq x y z
N GLU A 1 10.01 16.06 5.66
CA GLU A 1 8.98 17.04 5.28
C GLU A 1 8.94 18.10 6.35
N LYS A 2 8.67 19.36 5.97
CA LYS A 2 8.40 20.39 7.00
C LYS A 2 7.13 20.98 6.55
N ASN A 3 6.01 20.40 7.01
CA ASN A 3 4.68 20.84 6.70
C ASN A 3 3.83 20.84 7.97
N VAL A 4 3.62 22.00 8.60
CA VAL A 4 2.96 21.96 9.92
C VAL A 4 1.80 22.97 9.91
N LYS A 5 0.83 22.78 10.77
CA LYS A 5 -0.33 23.68 10.80
C LYS A 5 -0.91 23.64 12.18
N GLU A 6 -1.26 24.84 12.70
CA GLU A 6 -1.91 24.86 13.97
C GLU A 6 -3.35 24.32 13.88
N ILE A 7 -3.69 23.49 14.83
CA ILE A 7 -5.10 23.03 15.04
C ILE A 7 -5.65 23.98 16.06
N THR A 8 -6.31 25.00 15.54
CA THR A 8 -6.83 26.05 16.40
C THR A 8 -7.98 25.57 17.25
N ASP A 9 -8.80 24.66 16.72
CA ASP A 9 -9.90 24.14 17.49
C ASP A 9 -9.81 22.59 17.52
N ALA A 10 -9.55 22.00 18.70
CA ALA A 10 -9.25 20.55 18.78
C ALA A 10 -10.43 19.83 19.36
N THR A 11 -11.63 20.35 19.17
CA THR A 11 -12.81 19.67 19.69
C THR A 11 -13.26 18.45 18.80
N LYS A 12 -12.91 18.38 17.51
CA LYS A 12 -13.28 17.19 16.70
C LYS A 12 -12.23 16.05 16.67
N GLU A 13 -12.65 14.84 16.31
CA GLU A 13 -11.70 13.73 16.10
C GLU A 13 -10.78 13.97 14.94
N PRO A 14 -9.54 13.50 15.01
CA PRO A 14 -8.98 12.80 16.11
C PRO A 14 -8.34 13.80 17.15
N TYR A 15 -8.46 15.08 16.90
CA TYR A 15 -7.69 16.07 17.71
C TYR A 15 -8.08 16.05 19.14
N ASN A 16 -9.38 15.78 19.39
CA ASN A 16 -9.86 15.67 20.75
C ASN A 16 -9.36 14.47 21.48
N SER A 17 -8.59 13.55 20.86
CA SER A 17 -7.87 12.48 21.56
CA SER A 17 -7.89 12.52 21.53
C SER A 17 -6.43 12.87 21.96
N VAL A 18 -5.94 14.02 21.59
CA VAL A 18 -4.58 14.38 21.94
C VAL A 18 -4.57 15.15 23.26
N VAL A 19 -3.56 14.91 24.06
CA VAL A 19 -3.45 15.55 25.42
C VAL A 19 -2.13 16.24 25.53
N ALA A 20 -2.12 17.37 26.27
CA ALA A 20 -0.87 18.02 26.59
C ALA A 20 -0.45 17.68 28.02
N PHE A 21 0.82 17.30 28.19
CA PHE A 21 1.48 17.32 29.49
C PHE A 21 2.32 18.63 29.55
N VAL A 22 2.79 19.02 30.75
CA VAL A 22 3.64 20.25 30.81
C VAL A 22 4.79 20.24 29.84
N GLY A 23 5.37 19.07 29.53
CA GLY A 23 6.45 19.06 28.55
C GLY A 23 6.33 18.05 27.38
N GLY A 24 5.14 17.58 27.10
CA GLY A 24 5.09 16.52 26.03
C GLY A 24 3.62 16.33 25.67
N THR A 25 3.38 15.25 24.96
CA THR A 25 2.12 14.94 24.35
C THR A 25 1.70 13.49 24.72
N GLY A 26 0.39 13.19 24.65
CA GLY A 26 -0.04 11.80 24.66
C GLY A 26 -1.34 11.66 23.83
N VAL A 27 -1.87 10.44 23.80
CA VAL A 27 -3.11 10.19 23.05
C VAL A 27 -4.00 9.21 23.85
N VAL A 28 -5.30 9.48 23.74
CA VAL A 28 -6.28 8.74 24.48
C VAL A 28 -6.77 7.51 23.67
N VAL A 29 -6.69 6.33 24.26
CA VAL A 29 -7.09 5.09 23.59
C VAL A 29 -8.31 4.42 24.22
N GLY A 30 -8.71 4.88 25.41
CA GLY A 30 -9.84 4.28 26.10
C GLY A 30 -10.14 4.93 27.43
N LYS A 31 -11.06 4.30 28.19
CA LYS A 31 -11.58 4.94 29.40
C LYS A 31 -10.46 5.39 30.37
N ASN A 32 -10.37 6.72 30.65
CA ASN A 32 -9.33 7.27 31.52
C ASN A 32 -7.85 6.96 31.18
N THR A 33 -7.55 6.66 29.89
CA THR A 33 -6.29 6.02 29.58
C THR A 33 -5.61 6.68 28.38
N ILE A 34 -4.39 7.10 28.63
CA ILE A 34 -3.58 7.81 27.70
C ILE A 34 -2.32 6.98 27.49
N VAL A 35 -1.85 7.02 26.26
CA VAL A 35 -0.60 6.38 25.89
C VAL A 35 0.35 7.58 25.71
N THR A 36 1.57 7.50 26.26
CA THR A 36 2.62 8.47 26.00
C THR A 36 4.00 7.78 26.09
N ASN A 37 5.08 8.56 26.05
CA ASN A 37 6.39 8.00 26.31
C ASN A 37 6.55 7.68 27.79
N LYS A 38 7.39 6.72 28.07
CA LYS A 38 7.80 6.50 29.46
C LYS A 38 8.52 7.73 30.03
N HIS A 39 9.35 8.38 29.24
CA HIS A 39 10.08 9.57 29.77
C HIS A 39 9.18 10.76 30.11
N ILE A 40 8.11 10.94 29.34
CA ILE A 40 7.16 12.03 29.58
C ILE A 40 6.37 11.75 30.83
N ALA A 41 5.98 10.49 31.03
CA ALA A 41 5.19 10.17 32.17
C ALA A 41 6.02 10.38 33.43
N LYS A 42 7.24 9.86 33.35
CA LYS A 42 8.18 10.03 34.48
C LYS A 42 8.50 11.49 34.80
N SER A 43 8.76 12.36 33.82
CA SER A 43 9.09 13.73 34.13
C SER A 43 7.87 14.37 34.79
N ASN A 44 6.69 14.08 34.23
CA ASN A 44 5.50 14.65 34.81
C ASN A 44 5.21 14.22 36.23
N ASP A 45 5.67 13.06 36.62
CA ASP A 45 5.59 12.64 37.99
C ASP A 45 6.57 13.38 38.99
N ILE A 46 7.60 14.03 38.48
CA ILE A 46 8.43 14.93 39.32
C ILE A 46 7.57 16.20 39.71
N PHE A 47 6.92 16.84 38.73
CA PHE A 47 6.21 18.07 38.97
C PHE A 47 4.73 17.88 39.32
N LYS A 48 4.22 16.67 39.00
CA LYS A 48 2.85 16.23 39.32
C LYS A 48 1.82 17.16 38.70
N ASN A 49 2.11 17.68 37.52
CA ASN A 49 1.11 18.44 36.79
C ASN A 49 -0.07 17.55 36.30
N ARG A 50 -1.23 18.21 36.13
CA ARG A 50 -2.39 17.61 35.51
C ARG A 50 -2.16 17.47 34.03
N VAL A 51 -3.10 16.74 33.36
CA VAL A 51 -3.04 16.58 31.89
C VAL A 51 -4.11 17.45 31.29
N SER A 52 -3.82 18.20 30.24
CA SER A 52 -4.86 19.05 29.61
C SER A 52 -5.44 18.36 28.36
N ALA A 53 -6.75 18.03 28.40
CA ALA A 53 -7.41 17.32 27.33
C ALA A 53 -7.49 18.23 26.12
N HIS A 54 -6.73 17.85 25.06
CA HIS A 54 -6.78 18.56 23.78
C HIS A 54 -6.72 20.09 23.87
N HIS A 55 -5.79 20.59 24.66
CA HIS A 55 -5.63 22.05 24.68
C HIS A 55 -5.41 22.65 23.28
N SER A 56 -6.08 23.73 23.02
CA SER A 56 -5.87 24.45 21.78
C SER A 56 -6.22 25.91 22.04
N SER A 57 -5.86 26.73 21.08
CA SER A 57 -5.97 28.18 21.16
CA SER A 57 -5.99 28.17 21.21
C SER A 57 -7.44 28.68 21.17
N LYS A 58 -8.30 28.05 20.36
CA LYS A 58 -9.70 28.39 20.29
C LYS A 58 -10.52 27.18 20.71
N GLY A 59 -11.85 27.30 20.69
CA GLY A 59 -12.72 26.15 21.02
C GLY A 59 -12.86 25.83 22.51
N LYS A 60 -13.93 25.13 22.86
CA LYS A 60 -14.24 24.91 24.28
C LYS A 60 -13.10 24.09 24.94
N GLY A 61 -12.66 24.50 26.12
CA GLY A 61 -11.69 23.73 26.88
C GLY A 61 -12.22 22.36 27.30
N GLY A 62 -11.36 21.33 27.23
CA GLY A 62 -11.73 19.96 27.55
C GLY A 62 -11.45 19.54 28.96
N GLY A 63 -10.91 20.45 29.78
CA GLY A 63 -10.57 20.07 31.13
C GLY A 63 -9.11 19.72 31.39
N ASN A 64 -8.72 19.87 32.67
CA ASN A 64 -7.40 19.46 33.14
C ASN A 64 -7.67 18.35 34.13
N TYR A 65 -6.88 17.28 34.10
CA TYR A 65 -7.19 16.08 34.86
C TYR A 65 -6.01 15.61 35.67
N ASP A 66 -6.26 15.16 36.90
CA ASP A 66 -5.17 14.73 37.78
C ASP A 66 -4.73 13.36 37.36
N VAL A 67 -3.42 13.12 37.36
CA VAL A 67 -2.92 11.75 37.02
C VAL A 67 -3.17 10.78 38.17
N LYS A 68 -3.74 9.61 37.84
CA LYS A 68 -4.10 8.57 38.84
C LYS A 68 -2.95 7.61 39.06
N ASP A 69 -2.44 7.00 37.99
CA ASP A 69 -1.35 6.04 38.11
C ASP A 69 -0.64 5.93 36.76
N ILE A 70 0.52 5.28 36.73
CA ILE A 70 1.31 5.12 35.50
C ILE A 70 1.61 3.67 35.42
N VAL A 71 1.50 3.05 34.25
CA VAL A 71 2.06 1.75 34.01
C VAL A 71 3.15 1.85 32.94
N GLU A 72 4.40 1.57 33.30
CA GLU A 72 5.49 1.59 32.33
C GLU A 72 5.53 0.31 31.52
N TYR A 73 5.81 0.41 30.21
CA TYR A 73 6.02 -0.83 29.44
C TYR A 73 7.28 -1.49 30.04
N PRO A 74 7.23 -2.79 30.40
CA PRO A 74 8.44 -3.39 31.02
C PRO A 74 9.74 -3.30 30.17
N GLY A 75 9.67 -3.64 28.87
CA GLY A 75 10.81 -3.50 27.92
C GLY A 75 11.45 -2.13 27.67
N LYS A 76 12.40 -2.11 26.75
CA LYS A 76 13.19 -0.90 26.46
C LYS A 76 12.38 0.22 25.81
N GLU A 77 11.25 -0.11 25.20
CA GLU A 77 10.48 0.89 24.41
C GLU A 77 10.01 2.04 25.29
N ASP A 78 10.15 3.29 24.80
CA ASP A 78 9.81 4.50 25.51
C ASP A 78 8.25 4.62 25.43
N LEU A 79 7.58 3.80 26.23
CA LEU A 79 6.12 3.64 26.17
C LEU A 79 5.54 3.45 27.57
N ALA A 80 4.47 4.17 27.86
CA ALA A 80 3.82 4.06 29.15
C ALA A 80 2.38 4.38 29.00
N ILE A 81 1.57 3.83 29.91
CA ILE A 81 0.12 4.20 30.06
C ILE A 81 -0.01 5.15 31.22
N VAL A 82 -0.75 6.23 31.01
CA VAL A 82 -1.04 7.18 32.06
C VAL A 82 -2.57 7.07 32.29
N HIS A 83 -2.94 6.66 33.49
CA HIS A 83 -4.36 6.79 33.85
C HIS A 83 -4.74 8.12 34.53
N VAL A 84 -5.92 8.70 34.20
CA VAL A 84 -6.36 9.94 34.87
C VAL A 84 -7.60 9.68 35.71
N HIS A 85 -7.74 10.50 36.76
CA HIS A 85 -9.00 10.59 37.46
C HIS A 85 -10.03 11.25 36.55
N GLU A 86 -11.20 10.62 36.44
CA GLU A 86 -12.17 10.95 35.40
C GLU A 86 -12.76 12.35 35.58
N THR A 87 -12.97 12.77 36.83
CA THR A 87 -13.63 14.07 37.07
C THR A 87 -12.66 15.21 37.37
N SER A 88 -12.70 16.27 36.57
CA SER A 88 -11.81 17.42 36.84
C SER A 88 -12.33 18.24 38.06
N THR A 89 -11.44 19.09 38.56
N THR A 89 -11.57 19.23 38.55
CA THR A 89 -11.81 20.15 39.50
CA THR A 89 -12.05 20.07 39.70
C THR A 89 -12.40 21.27 38.63
C THR A 89 -13.31 20.85 39.43
N GLU A 90 -13.61 20.98 38.14
CA GLU A 90 -14.62 21.90 37.59
C GLU A 90 -15.82 21.05 37.19
N GLY A 91 -15.71 19.73 37.40
CA GLY A 91 -16.83 18.85 37.22
C GLY A 91 -16.94 18.25 35.83
N LEU A 92 -15.93 18.55 34.99
CA LEU A 92 -15.89 17.96 33.62
C LEU A 92 -15.53 16.50 33.63
N ASN A 93 -16.15 15.74 32.72
CA ASN A 93 -15.88 14.34 32.67
C ASN A 93 -14.85 14.07 31.53
N PHE A 94 -13.75 13.46 31.93
CA PHE A 94 -12.63 13.20 30.95
C PHE A 94 -13.21 12.48 29.74
N ASN A 95 -13.91 11.40 29.98
CA ASN A 95 -14.50 10.64 28.85
C ASN A 95 -15.44 11.38 27.93
N LYS A 96 -16.22 12.31 28.45
CA LYS A 96 -17.12 13.06 27.59
C LYS A 96 -16.41 14.08 26.76
N ASN A 97 -15.14 14.38 27.11
CA ASN A 97 -14.42 15.44 26.45
C ASN A 97 -13.31 14.96 25.51
N VAL A 98 -13.15 13.66 25.32
CA VAL A 98 -12.09 13.17 24.37
C VAL A 98 -12.72 12.12 23.42
N SER A 99 -11.90 11.58 22.55
CA SER A 99 -12.34 10.42 21.74
C SER A 99 -11.29 9.35 21.99
N TYR A 100 -11.57 8.10 21.59
CA TYR A 100 -10.68 7.04 21.86
C TYR A 100 -10.14 6.62 20.49
N THR A 101 -8.88 6.88 20.26
CA THR A 101 -8.32 6.65 18.93
C THR A 101 -8.08 5.15 18.73
N LYS A 102 -8.55 4.61 17.57
CA LYS A 102 -8.40 3.19 17.36
C LYS A 102 -7.02 2.89 16.74
N PHE A 103 -6.64 1.60 16.82
CA PHE A 103 -5.33 1.12 16.35
C PHE A 103 -5.28 0.97 14.87
N ALA A 104 -4.16 1.32 14.28
CA ALA A 104 -3.98 1.16 12.82
C ALA A 104 -3.66 -0.29 12.49
N ASP A 105 -3.16 -1.06 13.47
CA ASP A 105 -2.63 -2.46 13.26
C ASP A 105 -1.54 -2.48 12.17
N GLY A 106 -0.64 -1.50 12.21
CA GLY A 106 0.57 -1.51 11.38
C GLY A 106 0.49 -0.47 10.30
N ALA A 107 1.59 -0.30 9.57
CA ALA A 107 1.69 0.65 8.49
C ALA A 107 2.80 0.08 7.55
N LYS A 108 3.03 0.75 6.47
CA LYS A 108 4.07 0.32 5.54
CA LYS A 108 4.01 0.34 5.45
C LYS A 108 4.95 1.51 5.24
N VAL A 109 6.22 1.21 4.92
CA VAL A 109 7.18 2.22 4.49
C VAL A 109 6.57 2.92 3.30
N LYS A 110 6.82 4.23 3.19
CA LYS A 110 6.22 5.15 2.20
C LYS A 110 4.81 5.65 2.53
N ASP A 111 4.16 5.06 3.53
CA ASP A 111 2.82 5.64 3.93
C ASP A 111 3.01 7.08 4.48
N ARG A 112 2.01 7.92 4.24
CA ARG A 112 1.97 9.28 4.65
C ARG A 112 1.32 9.31 6.02
N ILE A 113 1.94 10.05 6.95
CA ILE A 113 1.48 10.00 8.31
C ILE A 113 1.32 11.42 8.84
N SER A 114 0.65 11.57 9.98
CA SER A 114 0.60 12.84 10.69
CA SER A 114 0.72 12.85 10.66
C SER A 114 1.07 12.66 12.12
N VAL A 115 1.72 13.66 12.70
CA VAL A 115 2.18 13.63 14.07
C VAL A 115 1.46 14.87 14.69
N ILE A 116 0.77 14.66 15.82
CA ILE A 116 -0.05 15.72 16.35
C ILE A 116 0.37 15.87 17.80
N GLY A 117 0.69 17.11 18.17
CA GLY A 117 1.20 17.38 19.52
C GLY A 117 1.46 18.89 19.77
N TYR A 118 2.39 19.13 20.66
CA TYR A 118 2.63 20.44 21.33
C TYR A 118 4.14 20.77 21.18
N PRO A 119 4.65 20.91 19.93
CA PRO A 119 6.03 21.34 19.83
C PRO A 119 6.18 22.76 20.48
N LYS A 120 7.16 22.87 21.37
CA LYS A 120 7.55 24.15 22.08
C LYS A 120 6.32 24.66 22.87
N GLY A 121 5.55 23.73 23.49
CA GLY A 121 4.27 24.03 24.16
C GLY A 121 4.34 25.18 25.16
N ALA A 122 5.35 25.14 26.05
CA ALA A 122 5.57 26.18 27.07
C ALA A 122 5.69 27.59 26.50
N GLN A 123 6.28 27.72 25.30
CA GLN A 123 6.47 29.00 24.61
C GLN A 123 5.28 29.42 23.78
N THR A 124 4.38 28.49 23.45
CA THR A 124 3.28 28.85 22.56
C THR A 124 1.96 28.94 23.26
N LYS A 125 1.97 28.77 24.57
CA LYS A 125 0.76 28.60 25.36
C LYS A 125 0.06 27.32 24.82
N TYR A 126 0.88 26.32 24.51
CA TYR A 126 0.34 24.92 24.25
C TYR A 126 -0.65 24.95 23.09
N LYS A 127 -0.22 25.55 21.99
CA LYS A 127 -0.95 25.41 20.81
C LYS A 127 -0.72 23.99 20.23
N MET A 128 -1.80 23.42 19.71
CA MET A 128 -1.69 22.14 19.01
C MET A 128 -1.23 22.27 17.57
N PHE A 129 -0.27 21.44 17.13
CA PHE A 129 0.16 21.42 15.74
C PHE A 129 0.13 20.00 15.17
N GLU A 130 -0.24 19.93 13.93
CA GLU A 130 -0.17 18.71 13.15
C GLU A 130 0.96 18.86 12.16
N SER A 131 1.80 17.85 12.05
CA SER A 131 2.91 17.92 11.15
C SER A 131 2.87 16.67 10.26
N THR A 132 3.00 16.81 8.92
CA THR A 132 2.87 15.67 8.03
CA THR A 132 2.89 15.64 8.03
C THR A 132 4.25 15.12 7.57
N GLY A 133 4.33 13.82 7.32
CA GLY A 133 5.50 13.18 6.75
C GLY A 133 5.27 11.76 6.30
N THR A 134 6.35 11.00 6.15
CA THR A 134 6.29 9.67 5.56
C THR A 134 7.04 8.71 6.46
N ILE A 135 6.60 7.46 6.53
CA ILE A 135 7.33 6.44 7.27
C ILE A 135 8.47 5.90 6.31
N ASN A 136 9.71 5.94 6.77
CA ASN A 136 10.84 5.58 5.87
C ASN A 136 11.46 4.25 6.28
N HIS A 137 11.15 3.76 7.48
CA HIS A 137 11.73 2.53 7.98
C HIS A 137 10.89 1.95 9.11
N ILE A 138 10.67 0.62 9.11
CA ILE A 138 9.98 -0.10 10.22
C ILE A 138 10.71 -1.38 10.54
N SER A 139 11.00 -1.62 11.81
CA SER A 139 11.66 -2.86 12.18
C SER A 139 11.24 -3.17 13.59
N GLY A 140 10.56 -4.29 13.79
CA GLY A 140 10.03 -4.69 15.11
C GLY A 140 9.17 -3.53 15.68
N THR A 141 9.53 -3.03 16.86
CA THR A 141 8.75 -1.96 17.52
C THR A 141 9.35 -0.61 17.24
N PHE A 142 10.18 -0.51 16.19
CA PHE A 142 10.80 0.74 15.83
C PHE A 142 10.34 1.25 14.50
N MET A 143 10.15 2.57 14.39
CA MET A 143 9.94 3.20 13.10
C MET A 143 10.62 4.51 12.99
N GLU A 144 10.98 4.84 11.75
CA GLU A 144 11.57 6.10 11.46
C GLU A 144 10.72 6.86 10.48
N PHE A 145 10.52 8.18 10.69
CA PHE A 145 9.69 8.99 9.84
C PHE A 145 10.15 10.40 9.72
N ASP A 146 9.75 11.09 8.67
CA ASP A 146 10.35 12.36 8.39
C ASP A 146 9.43 13.59 8.59
N ALA A 147 8.36 13.45 9.38
CA ALA A 147 7.58 14.62 9.78
C ALA A 147 8.38 15.52 10.72
N TYR A 148 8.34 16.83 10.50
CA TYR A 148 9.06 17.77 11.36
C TYR A 148 8.56 17.66 12.79
N ALA A 149 9.49 17.66 13.77
CA ALA A 149 9.13 17.59 15.16
C ALA A 149 10.04 18.54 15.99
N GLN A 150 9.54 18.99 17.15
CA GLN A 150 10.41 19.76 18.07
C GLN A 150 10.18 19.28 19.47
N PRO A 151 11.02 19.70 20.43
CA PRO A 151 10.82 19.29 21.81
C PRO A 151 9.45 19.70 22.27
N GLY A 152 8.77 18.86 23.04
CA GLY A 152 7.32 18.98 23.27
C GLY A 152 6.51 17.96 22.37
N ASN A 153 7.10 17.52 21.24
CA ASN A 153 6.49 16.40 20.43
C ASN A 153 6.66 14.99 20.99
N SER A 154 7.49 14.78 22.01
CA SER A 154 7.51 13.46 22.61
C SER A 154 6.15 12.97 23.02
N GLY A 155 5.86 11.72 22.73
CA GLY A 155 4.57 11.15 23.06
C GLY A 155 3.53 11.39 22.04
N SER A 156 3.87 12.08 20.95
CA SER A 156 2.81 12.48 19.98
C SER A 156 2.33 11.26 19.23
N PRO A 157 0.99 11.13 19.07
CA PRO A 157 0.51 10.01 18.27
C PRO A 157 0.97 10.22 16.81
N VAL A 158 1.24 9.09 16.13
CA VAL A 158 1.59 9.07 14.73
C VAL A 158 0.40 8.33 14.09
N LEU A 159 -0.34 9.11 13.32
CA LEU A 159 -1.62 8.61 12.77
C LEU A 159 -1.50 8.32 11.27
N ASN A 160 -2.26 7.31 10.81
CA ASN A 160 -2.33 7.05 9.36
C ASN A 160 -3.42 7.96 8.75
N SER A 161 -3.62 7.84 7.46
CA SER A 161 -4.60 8.70 6.78
C SER A 161 -6.05 8.53 7.20
N LYS A 162 -6.41 7.42 7.86
CA LYS A 162 -7.73 7.21 8.44
C LYS A 162 -7.79 7.53 9.96
N HIS A 163 -6.85 8.35 10.43
CA HIS A 163 -6.71 8.75 11.84
C HIS A 163 -6.60 7.62 12.81
N GLU A 164 -5.97 6.53 12.40
CA GLU A 164 -5.80 5.41 13.25
C GLU A 164 -4.35 5.47 13.81
N LEU A 165 -4.13 4.91 14.99
CA LEU A 165 -2.86 5.06 15.71
C LEU A 165 -1.82 3.97 15.30
N ILE A 166 -0.72 4.44 14.73
CA ILE A 166 0.39 3.56 14.26
C ILE A 166 1.37 3.40 15.42
N GLY A 167 1.53 4.46 16.19
CA GLY A 167 2.56 4.35 17.31
C GLY A 167 2.71 5.80 17.85
N ILE A 168 3.82 6.07 18.53
CA ILE A 168 4.02 7.40 19.08
C ILE A 168 5.49 7.83 18.93
N LEU A 169 5.68 9.13 18.77
CA LEU A 169 7.03 9.71 18.63
C LEU A 169 7.76 9.55 19.96
N TYR A 170 9.05 9.17 19.93
CA TYR A 170 9.76 9.22 21.22
C TYR A 170 11.08 9.97 21.21
N ALA A 171 11.67 10.12 20.02
CA ALA A 171 13.04 10.72 19.94
C ALA A 171 13.28 11.23 18.52
N GLY A 172 14.35 12.02 18.35
CA GLY A 172 14.76 12.47 17.01
C GLY A 172 16.27 12.45 16.80
N SER A 173 16.70 13.19 15.77
CA SER A 173 18.13 13.31 15.34
C SER A 173 18.81 14.68 15.69
N GLY A 174 18.09 15.57 16.38
CA GLY A 174 18.50 16.99 16.47
C GLY A 174 19.20 17.44 17.74
CA ASP A 176 16.82 19.20 19.90
C ASP A 176 16.08 20.09 18.89
N GLU A 177 15.46 19.46 17.86
CA GLU A 177 14.74 20.04 16.63
C GLU A 177 15.06 19.16 15.37
N SER A 178 14.06 18.71 14.56
CA SER A 178 14.23 17.41 13.79
C SER A 178 13.30 17.00 12.56
N GLU A 179 13.90 16.68 11.39
CA GLU A 179 13.18 15.98 10.30
C GLU A 179 13.49 14.46 10.08
N LYS A 180 14.18 13.85 11.03
CA LYS A 180 14.36 12.42 10.98
C LYS A 180 14.01 12.02 12.43
N ASN A 181 12.82 11.48 12.58
CA ASN A 181 12.32 11.17 13.90
C ASN A 181 12.07 9.70 14.12
N PHE A 182 12.00 9.31 15.37
CA PHE A 182 11.85 7.93 15.73
C PHE A 182 10.57 7.72 16.52
N GLY A 183 9.93 6.64 16.21
CA GLY A 183 8.76 6.24 16.96
C GLY A 183 8.77 4.87 17.53
N VAL A 184 7.89 4.63 18.50
CA VAL A 184 7.63 3.29 18.95
C VAL A 184 6.47 2.82 18.02
N TYR A 185 6.69 1.74 17.27
CA TYR A 185 5.74 1.29 16.27
C TYR A 185 4.97 0.18 16.91
N PHE A 186 3.61 0.23 16.87
CA PHE A 186 2.86 -0.72 17.75
C PHE A 186 2.65 -2.03 17.01
N THR A 187 3.40 -3.03 17.43
CA THR A 187 3.16 -4.40 16.94
C THR A 187 1.96 -5.01 17.68
N PRO A 188 1.55 -6.22 17.30
CA PRO A 188 0.52 -6.84 18.14
C PRO A 188 0.83 -6.97 19.61
N GLN A 189 2.09 -7.21 19.98
CA GLN A 189 2.42 -7.39 21.36
C GLN A 189 2.23 -6.08 22.12
N LEU A 190 2.63 -4.95 21.50
CA LEU A 190 2.44 -3.66 22.16
C LEU A 190 0.94 -3.28 22.20
N LYS A 191 0.21 -3.55 21.11
CA LYS A 191 -1.23 -3.27 21.15
C LYS A 191 -1.86 -4.07 22.31
N GLU A 192 -1.49 -5.34 22.44
CA GLU A 192 -1.99 -6.11 23.60
C GLU A 192 -1.65 -5.52 24.97
N PHE A 193 -0.39 -5.07 25.18
CA PHE A 193 -0.05 -4.48 26.45
C PHE A 193 -0.99 -3.27 26.61
N ILE A 194 -1.17 -2.47 25.55
CA ILE A 194 -1.94 -1.19 25.75
C ILE A 194 -3.38 -1.59 26.08
N GLN A 195 -3.93 -2.54 25.30
CA GLN A 195 -5.34 -2.83 25.51
C GLN A 195 -5.61 -3.50 26.87
N ASN A 196 -4.70 -4.36 27.33
CA ASN A 196 -4.79 -4.88 28.71
C ASN A 196 -4.69 -3.87 29.82
N ASN A 197 -4.23 -2.65 29.53
CA ASN A 197 -4.12 -1.64 30.52
C ASN A 197 -5.12 -0.51 30.35
N ILE A 198 -6.18 -0.75 29.59
CA ILE A 198 -7.22 0.23 29.47
C ILE A 198 -8.19 -0.04 30.63
N GLU A 199 -8.55 1.01 31.36
CA GLU A 199 -9.57 0.85 32.45
C GLU A 199 -10.90 0.30 31.96
N LYS A 200 -11.41 -0.69 32.70
CA LYS A 200 -12.71 -1.33 32.46
C LYS A 200 -13.84 -0.63 33.27
N GLU B 1 -10.69 -0.87 -34.68
CA GLU B 1 -9.64 0.21 -34.64
C GLU B 1 -8.31 -0.39 -35.08
N LYS B 2 -7.41 0.43 -35.60
CA LYS B 2 -6.10 -0.10 -36.01
C LYS B 2 -4.95 0.88 -35.79
N ASN B 3 -4.46 0.98 -34.56
CA ASN B 3 -3.32 1.79 -34.20
C ASN B 3 -2.37 0.89 -33.45
N VAL B 4 -1.35 0.42 -34.18
CA VAL B 4 -0.48 -0.58 -33.73
C VAL B 4 0.88 -0.04 -33.91
N LYS B 5 1.66 -0.07 -32.86
CA LYS B 5 3.03 0.33 -32.92
C LYS B 5 3.98 -0.64 -32.29
N GLU B 6 5.17 -0.75 -32.88
CA GLU B 6 6.15 -1.65 -32.33
C GLU B 6 6.71 -1.05 -31.10
N ILE B 7 6.82 -1.86 -30.03
CA ILE B 7 7.59 -1.60 -28.86
C ILE B 7 8.98 -2.13 -29.02
N THR B 8 9.82 -1.19 -29.42
CA THR B 8 11.15 -1.50 -29.76
C THR B 8 11.98 -1.84 -28.55
N ASP B 9 11.66 -1.21 -27.43
CA ASP B 9 12.44 -1.37 -26.23
C ASP B 9 11.44 -1.70 -25.13
N ALA B 10 11.47 -2.94 -24.64
CA ALA B 10 10.48 -3.40 -23.65
C ALA B 10 11.06 -3.47 -22.26
N THR B 11 12.04 -2.64 -21.91
CA THR B 11 12.70 -2.74 -20.61
C THR B 11 11.88 -2.02 -19.51
N LYS B 12 11.01 -1.10 -19.89
CA LYS B 12 10.24 -0.33 -18.90
C LYS B 12 8.85 -0.91 -18.69
N GLU B 13 8.29 -0.64 -17.50
CA GLU B 13 6.92 -1.00 -17.21
CA GLU B 13 6.94 -0.95 -17.15
C GLU B 13 5.97 -0.27 -18.12
N PRO B 14 4.85 -0.97 -18.52
CA PRO B 14 4.42 -2.37 -18.23
C PRO B 14 4.98 -3.41 -19.25
N TYR B 15 5.80 -2.95 -20.18
CA TYR B 15 6.34 -3.85 -21.24
C TYR B 15 7.23 -4.94 -20.77
N ASN B 16 8.02 -4.72 -19.71
CA ASN B 16 8.82 -5.77 -19.15
C ASN B 16 8.12 -6.87 -18.38
N SER B 17 6.80 -6.84 -18.32
CA SER B 17 5.98 -7.94 -17.80
C SER B 17 5.34 -8.75 -18.93
N VAL B 18 5.63 -8.41 -20.19
CA VAL B 18 5.00 -9.11 -21.33
C VAL B 18 5.99 -10.19 -21.71
N VAL B 19 5.47 -11.41 -21.96
CA VAL B 19 6.32 -12.58 -22.21
C VAL B 19 5.95 -13.21 -23.57
N ALA B 20 6.96 -13.63 -24.30
CA ALA B 20 6.74 -14.29 -25.59
C ALA B 20 6.77 -15.81 -25.42
N PHE B 21 5.75 -16.50 -25.92
CA PHE B 21 5.86 -17.99 -26.07
C PHE B 21 6.07 -18.27 -27.57
N VAL B 22 6.37 -19.54 -27.95
CA VAL B 22 6.49 -19.72 -29.41
C VAL B 22 5.31 -19.29 -30.23
N GLY B 23 4.10 -19.50 -29.73
CA GLY B 23 2.93 -19.23 -30.54
C GLY B 23 2.07 -18.07 -30.03
N GLY B 24 2.54 -17.43 -28.96
CA GLY B 24 1.72 -16.32 -28.49
C GLY B 24 2.38 -15.51 -27.39
N THR B 25 1.53 -15.08 -26.46
CA THR B 25 1.89 -14.00 -25.49
C THR B 25 1.44 -14.42 -24.07
N GLY B 26 2.09 -13.90 -23.03
CA GLY B 26 1.54 -13.91 -21.67
C GLY B 26 1.91 -12.67 -20.93
N VAL B 27 1.47 -12.59 -19.68
CA VAL B 27 1.80 -11.44 -18.80
C VAL B 27 2.26 -11.89 -17.39
N VAL B 28 3.26 -11.25 -16.79
CA VAL B 28 3.81 -11.67 -15.46
C VAL B 28 2.94 -10.96 -14.43
N VAL B 29 2.47 -11.75 -13.44
CA VAL B 29 1.60 -11.24 -12.34
C VAL B 29 2.24 -11.36 -10.96
N GLY B 30 3.41 -11.98 -10.88
CA GLY B 30 4.11 -12.09 -9.60
C GLY B 30 5.22 -13.10 -9.71
N LYS B 31 5.81 -13.42 -8.55
CA LYS B 31 7.00 -14.26 -8.46
C LYS B 31 6.86 -15.50 -9.35
N ASN B 32 7.74 -15.54 -10.34
CA ASN B 32 7.74 -16.67 -11.26
C ASN B 32 6.45 -17.03 -11.95
N THR B 33 5.48 -16.12 -12.10
CA THR B 33 4.20 -16.54 -12.46
C THR B 33 3.66 -15.70 -13.60
N ILE B 34 3.25 -16.36 -14.66
CA ILE B 34 2.73 -15.76 -15.89
C ILE B 34 1.33 -16.21 -16.14
N VAL B 35 0.50 -15.37 -16.72
CA VAL B 35 -0.86 -15.69 -17.10
C VAL B 35 -0.94 -15.72 -18.65
N THR B 36 -1.61 -16.73 -19.23
CA THR B 36 -1.80 -16.85 -20.71
C THR B 36 -3.03 -17.76 -21.09
N ASN B 37 -3.18 -18.12 -22.34
CA ASN B 37 -4.33 -18.91 -22.80
C ASN B 37 -3.92 -20.38 -22.56
N LYS B 38 -4.91 -21.25 -22.29
CA LYS B 38 -4.53 -22.70 -22.18
C LYS B 38 -3.70 -23.24 -23.35
N HIS B 39 -4.11 -23.00 -24.59
CA HIS B 39 -3.34 -23.55 -25.76
C HIS B 39 -1.93 -23.00 -25.93
N ILE B 40 -1.72 -21.76 -25.51
CA ILE B 40 -0.37 -21.22 -25.52
C ILE B 40 0.53 -21.82 -24.42
N ALA B 41 -0.04 -22.11 -23.26
CA ALA B 41 0.71 -22.66 -22.15
C ALA B 41 1.09 -24.12 -22.41
N LYS B 42 0.17 -24.83 -23.08
CA LYS B 42 0.27 -26.31 -23.27
C LYS B 42 1.52 -26.72 -24.05
N SER B 43 2.15 -27.72 -23.44
CA SER B 43 3.49 -28.15 -23.75
C SER B 43 3.38 -29.23 -24.81
N ASN B 44 4.50 -29.84 -25.09
CA ASN B 44 4.54 -30.71 -26.20
C ASN B 44 5.60 -31.72 -25.83
N ASP B 45 5.33 -32.98 -26.19
CA ASP B 45 6.24 -34.05 -25.84
C ASP B 45 7.58 -33.80 -26.53
N ILE B 46 7.58 -33.04 -27.62
CA ILE B 46 8.78 -33.01 -28.49
C ILE B 46 9.85 -32.00 -28.11
N PHE B 47 9.50 -30.72 -27.95
CA PHE B 47 10.43 -29.69 -27.55
C PHE B 47 10.17 -29.15 -26.09
N LYS B 48 11.20 -28.68 -25.42
CA LYS B 48 10.97 -28.08 -24.06
C LYS B 48 10.13 -26.85 -24.17
N ASN B 49 9.35 -26.59 -23.13
CA ASN B 49 8.44 -25.47 -23.16
C ASN B 49 9.25 -24.29 -22.59
N ARG B 50 9.48 -23.26 -23.41
CA ARG B 50 10.36 -22.16 -23.01
C ARG B 50 9.73 -20.78 -23.35
N VAL B 51 10.11 -19.78 -22.59
CA VAL B 51 9.56 -18.44 -22.80
C VAL B 51 10.70 -17.44 -22.83
N SER B 52 10.43 -16.32 -23.48
CA SER B 52 11.44 -15.30 -23.53
C SER B 52 10.84 -14.04 -22.88
N ALA B 53 11.46 -13.54 -21.86
CA ALA B 53 10.86 -12.41 -21.10
C ALA B 53 11.04 -11.09 -21.84
N HIS B 54 9.93 -10.41 -22.16
CA HIS B 54 9.88 -9.11 -22.87
C HIS B 54 10.82 -9.03 -24.05
N HIS B 55 10.90 -10.12 -24.82
CA HIS B 55 11.73 -10.03 -26.03
C HIS B 55 11.29 -8.83 -26.91
N SER B 56 12.24 -8.06 -27.47
CA SER B 56 11.86 -6.88 -28.26
C SER B 56 13.04 -6.67 -29.20
N SER B 57 12.88 -5.87 -30.24
CA SER B 57 13.98 -5.78 -31.25
C SER B 57 15.21 -5.02 -30.78
N LYS B 58 15.07 -4.05 -29.84
CA LYS B 58 16.22 -3.32 -29.24
C LYS B 58 16.17 -3.42 -27.72
N GLY B 59 17.26 -3.05 -27.07
CA GLY B 59 17.28 -3.06 -25.59
C GLY B 59 17.64 -4.42 -24.96
N LYS B 60 18.04 -4.42 -23.69
CA LYS B 60 18.46 -5.65 -22.97
C LYS B 60 17.37 -6.71 -22.98
N GLY B 61 17.72 -7.96 -23.30
CA GLY B 61 16.74 -9.05 -23.20
C GLY B 61 16.52 -9.42 -21.73
N GLY B 62 15.35 -9.93 -21.43
CA GLY B 62 15.05 -10.37 -20.07
C GLY B 62 15.39 -11.83 -19.77
N GLY B 63 15.98 -12.57 -20.74
CA GLY B 63 16.31 -14.00 -20.54
C GLY B 63 15.35 -15.07 -21.09
N ASN B 64 15.87 -16.30 -21.17
CA ASN B 64 15.18 -17.47 -21.73
C ASN B 64 14.80 -18.37 -20.54
N TYR B 65 13.54 -18.72 -20.37
CA TYR B 65 13.10 -19.46 -19.17
C TYR B 65 12.38 -20.74 -19.49
N ASP B 66 12.69 -21.74 -18.68
CA ASP B 66 11.98 -23.04 -18.78
C ASP B 66 10.64 -23.01 -18.01
N VAL B 67 9.56 -23.55 -18.59
CA VAL B 67 8.27 -23.66 -17.88
C VAL B 67 8.46 -24.76 -16.82
N LYS B 68 8.15 -24.47 -15.56
CA LYS B 68 8.32 -25.44 -14.46
C LYS B 68 7.06 -26.31 -14.32
N ASP B 69 5.91 -25.66 -14.33
CA ASP B 69 4.64 -26.34 -14.38
C ASP B 69 3.53 -25.38 -14.84
N ILE B 70 2.39 -25.99 -15.18
CA ILE B 70 1.20 -25.28 -15.66
C ILE B 70 -0.06 -25.57 -14.77
N VAL B 71 -0.91 -24.58 -14.51
CA VAL B 71 -2.20 -24.80 -13.82
C VAL B 71 -3.25 -24.23 -14.67
N GLU B 72 -4.02 -25.06 -15.32
CA GLU B 72 -5.07 -24.51 -16.15
C GLU B 72 -6.23 -24.06 -15.24
N TYR B 73 -7.02 -23.08 -15.68
CA TYR B 73 -8.17 -22.71 -14.91
C TYR B 73 -9.20 -23.84 -15.11
N PRO B 74 -9.74 -24.39 -13.98
CA PRO B 74 -10.69 -25.51 -14.06
C PRO B 74 -11.87 -25.19 -14.96
N GLY B 75 -12.34 -23.94 -14.90
CA GLY B 75 -13.52 -23.52 -15.67
C GLY B 75 -13.20 -23.35 -17.12
N LYS B 76 -14.19 -23.06 -17.95
CA LYS B 76 -13.99 -23.02 -19.39
C LYS B 76 -13.29 -21.78 -19.95
N GLU B 77 -13.20 -20.72 -19.14
CA GLU B 77 -12.45 -19.51 -19.58
C GLU B 77 -11.07 -19.97 -20.05
N ASP B 78 -10.58 -19.36 -21.13
CA ASP B 78 -9.32 -19.74 -21.77
C ASP B 78 -8.14 -19.10 -21.03
N LEU B 79 -7.88 -19.56 -19.81
CA LEU B 79 -6.92 -19.03 -18.85
C LEU B 79 -6.05 -20.11 -18.29
N ALA B 80 -4.73 -19.90 -18.29
CA ALA B 80 -3.80 -20.74 -17.52
C ALA B 80 -2.70 -19.99 -16.87
N ILE B 81 -2.19 -20.52 -15.76
CA ILE B 81 -1.05 -20.02 -15.05
C ILE B 81 0.14 -20.88 -15.43
N VAL B 82 1.26 -20.22 -15.70
CA VAL B 82 2.54 -20.80 -15.98
C VAL B 82 3.50 -20.39 -14.93
N HIS B 83 4.15 -21.38 -14.31
CA HIS B 83 5.27 -21.12 -13.45
C HIS B 83 6.56 -21.41 -14.18
N VAL B 84 7.57 -20.57 -13.96
CA VAL B 84 8.90 -20.79 -14.57
C VAL B 84 9.94 -21.12 -13.51
N HIS B 85 10.94 -21.87 -13.92
CA HIS B 85 12.15 -22.00 -13.16
C HIS B 85 12.80 -20.66 -13.14
N GLU B 86 13.28 -20.27 -11.96
CA GLU B 86 13.51 -18.86 -11.66
C GLU B 86 14.75 -18.33 -12.31
N THR B 87 15.80 -19.17 -12.30
CA THR B 87 17.06 -18.92 -13.01
C THR B 87 16.94 -19.35 -14.47
N SER B 88 17.14 -18.38 -15.35
CA SER B 88 17.17 -18.64 -16.79
C SER B 88 18.37 -19.48 -17.18
N THR B 89 18.33 -19.95 -18.42
CA THR B 89 19.32 -20.85 -19.02
C THR B 89 20.66 -20.18 -19.19
N GLU B 90 20.70 -18.83 -19.20
CA GLU B 90 21.94 -18.08 -19.23
C GLU B 90 22.29 -17.49 -17.85
N GLY B 91 21.51 -17.82 -16.84
CA GLY B 91 21.93 -17.45 -15.51
C GLY B 91 21.29 -16.20 -14.98
N LEU B 92 20.30 -15.62 -15.70
CA LEU B 92 19.54 -14.45 -15.17
C LEU B 92 18.46 -14.85 -14.15
N ASN B 93 18.18 -13.97 -13.19
CA ASN B 93 17.00 -14.12 -12.31
C ASN B 93 15.71 -13.60 -12.96
N PHE B 94 14.70 -14.45 -13.12
CA PHE B 94 13.42 -13.98 -13.70
C PHE B 94 12.91 -12.73 -13.02
N ASN B 95 12.88 -12.77 -11.70
CA ASN B 95 12.23 -11.69 -10.96
C ASN B 95 12.92 -10.34 -11.01
N LYS B 96 14.26 -10.32 -11.12
CA LYS B 96 15.00 -9.10 -11.42
C LYS B 96 14.82 -8.59 -12.88
N ASN B 97 14.21 -9.38 -13.76
CA ASN B 97 14.16 -9.00 -15.17
C ASN B 97 12.76 -8.65 -15.70
N VAL B 98 11.75 -8.68 -14.81
CA VAL B 98 10.39 -8.44 -15.22
C VAL B 98 9.75 -7.47 -14.18
N SER B 99 8.54 -7.00 -14.44
CA SER B 99 7.74 -6.41 -13.34
C SER B 99 6.44 -7.24 -13.18
N TYR B 100 5.71 -7.09 -12.05
CA TYR B 100 4.49 -7.78 -11.82
C TYR B 100 3.38 -6.81 -12.12
N THR B 101 2.59 -7.09 -13.15
CA THR B 101 1.47 -6.24 -13.50
C THR B 101 0.27 -6.43 -12.57
N LYS B 102 -0.23 -5.32 -12.04
CA LYS B 102 -1.38 -5.32 -11.09
C LYS B 102 -2.72 -5.30 -11.79
N PHE B 103 -3.74 -5.80 -11.11
CA PHE B 103 -5.06 -5.91 -11.69
C PHE B 103 -5.77 -4.57 -11.67
N ALA B 104 -6.74 -4.42 -12.57
CA ALA B 104 -7.49 -3.19 -12.73
C ALA B 104 -8.74 -3.19 -11.85
N ASP B 105 -9.18 -4.37 -11.47
CA ASP B 105 -10.52 -4.43 -10.85
C ASP B 105 -11.59 -3.84 -11.79
N GLY B 106 -11.72 -4.53 -12.94
CA GLY B 106 -12.81 -4.31 -13.89
C GLY B 106 -12.67 -3.07 -14.74
N ALA B 107 -13.63 -2.88 -15.61
CA ALA B 107 -13.57 -1.79 -16.53
C ALA B 107 -14.97 -1.66 -17.00
N LYS B 108 -15.19 -0.75 -17.92
CA LYS B 108 -16.53 -0.42 -18.30
CA LYS B 108 -16.52 -0.34 -18.30
C LYS B 108 -16.48 -0.38 -19.79
N VAL B 109 -17.62 -0.65 -20.40
CA VAL B 109 -17.74 -0.50 -21.84
C VAL B 109 -17.26 0.95 -22.16
N LYS B 110 -16.50 1.13 -23.24
CA LYS B 110 -15.97 2.45 -23.69
C LYS B 110 -14.68 2.88 -23.02
N ASP B 111 -14.19 2.06 -22.11
CA ASP B 111 -12.86 2.26 -21.60
C ASP B 111 -11.84 2.05 -22.70
N ARG B 112 -10.86 2.94 -22.73
CA ARG B 112 -9.70 2.77 -23.63
C ARG B 112 -8.72 1.77 -23.13
N ILE B 113 -8.26 0.91 -24.05
CA ILE B 113 -7.39 -0.17 -23.65
C ILE B 113 -6.29 -0.25 -24.63
N SER B 114 -5.28 -1.01 -24.22
CA SER B 114 -4.31 -1.48 -25.16
C SER B 114 -4.03 -3.00 -25.02
N VAL B 115 -3.66 -3.60 -26.16
CA VAL B 115 -3.31 -5.04 -26.27
C VAL B 115 -1.85 -5.09 -26.63
N ILE B 116 -1.03 -5.74 -25.82
CA ILE B 116 0.39 -5.80 -26.05
C ILE B 116 0.82 -7.27 -26.27
N GLY B 117 1.53 -7.54 -27.36
CA GLY B 117 2.12 -8.90 -27.38
C GLY B 117 2.82 -9.16 -28.70
N TYR B 118 2.66 -10.37 -29.22
CA TYR B 118 3.45 -10.79 -30.41
C TYR B 118 2.63 -11.24 -31.62
N PRO B 119 1.85 -10.33 -32.24
CA PRO B 119 1.12 -10.80 -33.42
C PRO B 119 2.10 -11.17 -34.54
N LYS B 120 1.74 -12.22 -35.23
CA LYS B 120 2.69 -12.85 -36.19
C LYS B 120 4.14 -12.98 -35.74
N GLY B 121 4.37 -13.31 -34.48
CA GLY B 121 5.75 -13.36 -33.99
C GLY B 121 6.72 -14.08 -34.93
N ALA B 122 6.35 -15.26 -35.41
CA ALA B 122 7.29 -16.08 -36.20
C ALA B 122 7.64 -15.41 -37.52
N GLN B 123 6.72 -14.61 -38.02
CA GLN B 123 6.88 -13.85 -39.27
C GLN B 123 7.57 -12.46 -39.04
N THR B 124 7.87 -12.07 -37.76
CA THR B 124 8.55 -10.80 -37.35
C THR B 124 9.84 -10.89 -36.48
N LYS B 125 10.34 -12.08 -36.20
CA LYS B 125 11.29 -12.31 -35.10
C LYS B 125 10.88 -11.68 -33.77
N TYR B 126 9.62 -11.92 -33.46
CA TYR B 126 9.07 -11.73 -32.12
C TYR B 126 9.30 -10.28 -31.69
N LYS B 127 8.90 -9.36 -32.58
CA LYS B 127 8.82 -7.92 -32.19
C LYS B 127 7.59 -7.79 -31.33
N MET B 128 7.72 -6.97 -30.30
CA MET B 128 6.53 -6.65 -29.47
C MET B 128 5.78 -5.50 -30.05
N PHE B 129 4.47 -5.61 -30.06
CA PHE B 129 3.59 -4.58 -30.56
C PHE B 129 2.50 -4.20 -29.55
N GLU B 130 2.06 -2.95 -29.63
CA GLU B 130 0.92 -2.48 -28.82
C GLU B 130 -0.18 -1.95 -29.71
N SER B 131 -1.41 -2.35 -29.43
CA SER B 131 -2.53 -2.06 -30.29
C SER B 131 -3.61 -1.42 -29.39
N THR B 132 -4.16 -0.28 -29.84
CA THR B 132 -5.19 0.42 -29.02
C THR B 132 -6.60 0.18 -29.47
N GLY B 133 -7.55 0.14 -28.55
CA GLY B 133 -8.92 0.12 -28.97
C GLY B 133 -9.80 0.40 -27.76
N THR B 134 -11.06 0.01 -27.88
CA THR B 134 -12.05 0.27 -26.85
C THR B 134 -12.76 -1.04 -26.48
N ILE B 135 -13.02 -1.24 -25.19
CA ILE B 135 -13.98 -2.24 -24.75
C ILE B 135 -15.41 -1.97 -25.25
N ASN B 136 -16.01 -2.90 -25.99
CA ASN B 136 -17.37 -2.74 -26.53
C ASN B 136 -18.44 -3.56 -25.83
N HIS B 137 -18.03 -4.49 -24.97
CA HIS B 137 -18.97 -5.37 -24.29
C HIS B 137 -18.27 -6.12 -23.20
N ILE B 138 -18.87 -6.14 -22.02
CA ILE B 138 -18.44 -6.97 -20.93
C ILE B 138 -19.71 -7.73 -20.54
N SER B 139 -19.53 -8.99 -20.14
CA SER B 139 -20.63 -9.82 -19.63
C SER B 139 -20.01 -10.99 -18.88
N GLY B 140 -20.02 -10.88 -17.56
CA GLY B 140 -19.31 -11.83 -16.72
C GLY B 140 -17.81 -11.89 -17.04
N THR B 141 -17.36 -13.06 -17.48
CA THR B 141 -15.92 -13.24 -17.76
C THR B 141 -15.59 -13.11 -19.25
N PHE B 142 -16.52 -12.60 -20.05
CA PHE B 142 -16.33 -12.31 -21.47
C PHE B 142 -16.29 -10.80 -21.79
N MET B 143 -15.35 -10.40 -22.63
CA MET B 143 -15.32 -9.00 -23.09
C MET B 143 -15.01 -9.01 -24.55
N GLU B 144 -15.63 -8.09 -25.27
CA GLU B 144 -15.30 -7.83 -26.65
C GLU B 144 -14.59 -6.44 -26.71
N PHE B 145 -13.66 -6.26 -27.64
CA PHE B 145 -12.87 -4.99 -27.75
C PHE B 145 -12.31 -4.88 -29.17
N ASP B 146 -11.99 -3.68 -29.61
CA ASP B 146 -11.74 -3.51 -31.05
C ASP B 146 -10.31 -3.17 -31.48
N ALA B 147 -9.36 -3.32 -30.59
CA ALA B 147 -7.92 -3.13 -30.83
C ALA B 147 -7.57 -4.20 -31.86
N TYR B 148 -6.94 -3.80 -32.98
CA TYR B 148 -6.46 -4.74 -34.02
C TYR B 148 -5.60 -5.84 -33.41
N ALA B 149 -5.84 -7.10 -33.84
CA ALA B 149 -5.04 -8.23 -33.39
C ALA B 149 -4.81 -9.29 -34.52
N GLN B 150 -3.76 -10.08 -34.34
CA GLN B 150 -3.46 -11.13 -35.34
C GLN B 150 -3.20 -12.43 -34.58
N PRO B 151 -3.14 -13.57 -35.31
CA PRO B 151 -2.62 -14.74 -34.59
C PRO B 151 -1.23 -14.48 -33.97
N GLY B 152 -1.02 -14.94 -32.74
CA GLY B 152 0.19 -14.64 -31.98
C GLY B 152 -0.17 -13.66 -30.81
N ASN B 153 -1.29 -12.99 -30.94
CA ASN B 153 -1.84 -12.15 -29.85
C ASN B 153 -2.59 -12.94 -28.77
N SER B 154 -2.87 -14.25 -29.01
CA SER B 154 -3.36 -15.14 -27.92
C SER B 154 -2.59 -15.00 -26.62
N GLY B 155 -3.30 -14.70 -25.52
CA GLY B 155 -2.72 -14.58 -24.19
C GLY B 155 -2.23 -13.14 -23.85
N SER B 156 -2.39 -12.20 -24.82
CA SER B 156 -1.83 -10.82 -24.66
C SER B 156 -2.61 -10.12 -23.54
N PRO B 157 -1.88 -9.41 -22.66
CA PRO B 157 -2.60 -8.61 -21.62
C PRO B 157 -3.41 -7.53 -22.26
N VAL B 158 -4.58 -7.25 -21.68
CA VAL B 158 -5.40 -6.15 -22.16
C VAL B 158 -5.26 -5.15 -20.98
N LEU B 159 -4.65 -3.97 -21.22
CA LEU B 159 -4.34 -3.05 -20.13
C LEU B 159 -5.13 -1.73 -20.21
N ASN B 160 -5.48 -1.16 -19.05
CA ASN B 160 -6.10 0.20 -19.08
C ASN B 160 -4.97 1.20 -19.15
N SER B 161 -5.31 2.48 -19.01
CA SER B 161 -4.24 3.47 -19.14
CA SER B 161 -4.31 3.53 -19.15
C SER B 161 -3.32 3.61 -17.98
N LYS B 162 -3.72 3.05 -16.84
CA LYS B 162 -2.81 2.94 -15.75
C LYS B 162 -1.94 1.71 -15.73
N HIS B 163 -1.86 1.02 -16.88
CA HIS B 163 -1.09 -0.21 -17.04
C HIS B 163 -1.62 -1.27 -16.11
N GLU B 164 -2.91 -1.23 -15.84
CA GLU B 164 -3.49 -2.26 -14.96
C GLU B 164 -4.13 -3.38 -15.80
N LEU B 165 -3.99 -4.64 -15.36
CA LEU B 165 -4.50 -5.76 -16.20
C LEU B 165 -6.05 -5.94 -16.09
N ILE B 166 -6.78 -5.86 -17.19
CA ILE B 166 -8.22 -6.09 -17.19
C ILE B 166 -8.51 -7.60 -17.51
N GLY B 167 -7.67 -8.16 -18.38
CA GLY B 167 -7.87 -9.54 -18.90
C GLY B 167 -6.92 -9.89 -20.04
N ILE B 168 -7.12 -11.05 -20.68
CA ILE B 168 -6.25 -11.46 -21.75
C ILE B 168 -7.03 -11.75 -23.00
N LEU B 169 -6.42 -11.51 -24.16
CA LEU B 169 -7.08 -11.80 -25.38
C LEU B 169 -7.11 -13.36 -25.57
N TYR B 170 -8.19 -13.91 -26.11
CA TYR B 170 -8.16 -15.37 -26.45
C TYR B 170 -8.57 -15.68 -27.84
N ALA B 171 -9.45 -14.85 -28.44
CA ALA B 171 -10.00 -15.14 -29.79
C ALA B 171 -10.40 -13.86 -30.58
N GLY B 172 -10.71 -14.07 -31.86
CA GLY B 172 -11.24 -13.00 -32.73
C GLY B 172 -12.19 -13.42 -33.84
N SER B 173 -12.28 -12.55 -34.84
CA SER B 173 -13.23 -12.71 -35.96
C SER B 173 -12.51 -12.83 -37.30
N GLY B 174 -13.16 -13.47 -38.26
CA GLY B 174 -12.58 -13.59 -39.59
C GLY B 174 -11.24 -14.30 -39.50
N LYS B 175 -10.37 -14.03 -40.48
CA LYS B 175 -9.20 -14.89 -40.76
C LYS B 175 -7.80 -14.60 -40.15
N ASP B 176 -7.04 -13.70 -40.77
CA ASP B 176 -5.64 -13.48 -40.35
C ASP B 176 -5.35 -12.10 -39.70
N GLU B 177 -6.43 -11.34 -39.52
CA GLU B 177 -6.45 -10.02 -38.85
C GLU B 177 -7.86 -9.69 -38.40
N SER B 178 -7.98 -8.98 -37.28
CA SER B 178 -9.28 -8.80 -36.65
C SER B 178 -9.33 -7.52 -35.81
N GLU B 179 -10.44 -6.78 -35.97
CA GLU B 179 -10.81 -5.64 -35.11
C GLU B 179 -12.08 -5.89 -34.27
N LYS B 180 -12.53 -7.15 -34.18
CA LYS B 180 -13.54 -7.54 -33.20
C LYS B 180 -12.98 -8.74 -32.42
N ASN B 181 -12.42 -8.48 -31.25
CA ASN B 181 -11.69 -9.49 -30.52
C ASN B 181 -12.29 -9.80 -29.17
N PHE B 182 -11.98 -11.00 -28.68
CA PHE B 182 -12.53 -11.45 -27.44
C PHE B 182 -11.47 -11.71 -26.38
N GLY B 183 -11.83 -11.43 -25.12
CA GLY B 183 -10.95 -11.64 -24.03
C GLY B 183 -11.68 -12.35 -22.92
N VAL B 184 -10.87 -12.96 -22.04
CA VAL B 184 -11.20 -13.32 -20.67
C VAL B 184 -11.10 -12.08 -19.79
N TYR B 185 -12.23 -11.68 -19.22
CA TYR B 185 -12.32 -10.47 -18.42
C TYR B 185 -12.19 -10.91 -16.99
N PHE B 186 -11.27 -10.34 -16.24
CA PHE B 186 -11.02 -10.81 -14.94
C PHE B 186 -12.01 -10.31 -13.89
N THR B 187 -13.01 -11.14 -13.62
CA THR B 187 -13.94 -10.95 -12.49
C THR B 187 -13.20 -11.14 -11.15
N PRO B 188 -13.79 -10.70 -10.00
CA PRO B 188 -13.04 -10.95 -8.73
C PRO B 188 -12.77 -12.45 -8.53
N GLN B 189 -13.61 -13.29 -9.11
CA GLN B 189 -13.44 -14.75 -8.99
C GLN B 189 -12.22 -15.31 -9.79
N LEU B 190 -12.03 -14.80 -11.00
CA LEU B 190 -10.85 -15.23 -11.78
C LEU B 190 -9.60 -14.59 -11.20
N LYS B 191 -9.74 -13.34 -10.73
CA LYS B 191 -8.62 -12.67 -10.08
C LYS B 191 -8.26 -13.46 -8.83
N GLU B 192 -9.28 -14.04 -8.17
CA GLU B 192 -8.95 -14.86 -6.97
C GLU B 192 -8.18 -16.14 -7.35
N PHE B 193 -8.62 -16.83 -8.40
CA PHE B 193 -7.89 -18.01 -8.95
C PHE B 193 -6.40 -17.70 -9.25
N ILE B 194 -6.16 -16.62 -10.01
CA ILE B 194 -4.78 -16.23 -10.27
C ILE B 194 -3.99 -15.97 -9.00
N GLN B 195 -4.49 -15.13 -8.10
CA GLN B 195 -3.69 -14.78 -6.91
C GLN B 195 -3.34 -16.00 -6.05
N ASN B 196 -4.30 -16.92 -5.94
CA ASN B 196 -4.01 -18.14 -5.19
C ASN B 196 -2.99 -19.02 -5.89
N ASN B 197 -2.78 -18.78 -7.19
CA ASN B 197 -1.85 -19.58 -7.96
C ASN B 197 -0.47 -18.92 -8.27
N ILE B 198 -0.21 -17.76 -7.70
CA ILE B 198 1.11 -17.13 -7.78
C ILE B 198 2.02 -17.79 -6.76
N GLU B 199 3.21 -18.25 -7.17
CA GLU B 199 4.22 -18.72 -6.20
C GLU B 199 4.41 -17.71 -5.10
N LYS B 200 4.61 -18.22 -3.89
CA LYS B 200 4.80 -17.32 -2.75
C LYS B 200 6.30 -17.25 -2.42
#